data_2IF2
#
_entry.id   2IF2
#
_cell.length_a   71.632
_cell.length_b   97.013
_cell.length_c   121.625
_cell.angle_alpha   90.00
_cell.angle_beta   90.00
_cell.angle_gamma   90.00
#
_symmetry.space_group_name_H-M   'P 21 21 21'
#
loop_
_entity.id
_entity.type
_entity.pdbx_description
1 polymer 'Dephospho-CoA kinase'
2 non-polymer 'SULFATE ION'
3 non-polymer 1,2-ETHANEDIOL
4 water water
#
_entity_poly.entity_id   1
_entity_poly.type   'polypeptide(L)'
_entity_poly.pdbx_seq_one_letter_code
;(MSE)KRIGLTGNIGCGKSTVAQ(MSE)FRELGAYVLDADKLIHSFYRKGHPVYEEVVKTFGKGILDEEGNIDRKKLADI
VFKDEEKLRKLEEITHRALYKEIEKITKNLSEDTLFILEASLLVEKGTYKNYDKLIVVYAPYEVCKERAIKRG(MSE)SE
EDFERRWKKQ(MSE)PIEEKVKYADYVIDNSGSIEETYKQVKKVYEELTRDPLEHHHHHH
;
_entity_poly.pdbx_strand_id   A,B,C
#
loop_
_chem_comp.id
_chem_comp.type
_chem_comp.name
_chem_comp.formula
EDO non-polymer 1,2-ETHANEDIOL 'C2 H6 O2'
SO4 non-polymer 'SULFATE ION' 'O4 S -2'
#
# COMPACT_ATOMS: atom_id res chain seq x y z
N MSE A 1 3.10 27.61 -16.82
CA MSE A 1 3.79 26.55 -16.03
C MSE A 1 5.22 26.36 -16.51
O MSE A 1 5.56 26.66 -17.65
CB MSE A 1 3.02 25.23 -16.15
CG MSE A 1 2.66 24.86 -17.58
SE MSE A 1 1.53 23.31 -17.70
CE MSE A 1 2.84 22.06 -18.40
N LYS A 2 6.06 25.83 -15.63
CA LYS A 2 7.46 25.61 -15.93
C LYS A 2 7.78 24.18 -16.34
N ARG A 3 8.13 23.99 -17.62
CA ARG A 3 8.47 22.67 -18.14
C ARG A 3 9.78 22.20 -17.52
N ILE A 4 9.73 21.11 -16.76
CA ILE A 4 10.91 20.59 -16.13
C ILE A 4 11.30 19.24 -16.74
N GLY A 5 12.59 18.98 -16.79
CA GLY A 5 13.07 17.74 -17.35
C GLY A 5 13.76 16.90 -16.33
N LEU A 6 13.43 15.61 -16.31
CA LEU A 6 14.04 14.71 -15.35
C LEU A 6 14.79 13.67 -16.15
N THR A 7 16.10 13.61 -15.97
CA THR A 7 16.89 12.63 -16.71
C THR A 7 17.82 11.80 -15.82
N GLY A 8 18.64 11.00 -16.47
CA GLY A 8 19.59 10.14 -15.78
C GLY A 8 19.92 8.94 -16.64
N ASN A 9 20.50 7.91 -16.03
CA ASN A 9 20.83 6.70 -16.77
C ASN A 9 19.96 5.53 -16.33
N ILE A 10 19.95 4.49 -17.17
CA ILE A 10 19.15 3.31 -16.88
C ILE A 10 19.53 2.70 -15.53
N GLY A 11 18.53 2.52 -14.67
CA GLY A 11 18.76 1.95 -13.37
C GLY A 11 19.29 2.95 -12.35
N CYS A 12 18.92 4.22 -12.49
CA CYS A 12 19.40 5.24 -11.56
C CYS A 12 18.32 5.65 -10.58
N GLY A 13 17.09 5.28 -10.91
CA GLY A 13 15.94 5.61 -10.07
C GLY A 13 15.04 6.66 -10.68
N LYS A 14 15.24 6.98 -11.94
CA LYS A 14 14.40 7.97 -12.60
C LYS A 14 12.94 7.67 -12.32
N SER A 15 12.62 6.39 -12.27
CA SER A 15 11.26 5.99 -11.99
C SER A 15 10.87 6.40 -10.57
N THR A 16 11.63 5.93 -9.58
CA THR A 16 11.35 6.22 -8.16
C THR A 16 11.29 7.71 -7.87
N VAL A 17 12.12 8.47 -8.57
CA VAL A 17 12.14 9.91 -8.40
C VAL A 17 10.92 10.48 -9.12
N ALA A 18 10.66 10.01 -10.34
CA ALA A 18 9.49 10.49 -11.05
C ALA A 18 8.26 10.29 -10.18
N GLN A 19 8.22 9.16 -9.45
CA GLN A 19 7.11 8.83 -8.57
C GLN A 19 7.02 9.73 -7.36
N MSE A 20 8.11 9.84 -6.62
CA MSE A 20 8.12 10.68 -5.44
C MSE A 20 7.57 12.04 -5.86
O MSE A 20 6.67 12.57 -5.20
CB MSE A 20 9.56 10.81 -4.93
CG MSE A 20 10.24 9.47 -4.64
SE MSE A 20 12.11 9.64 -4.14
CE MSE A 20 12.22 8.39 -2.66
N PHE A 21 8.09 12.58 -6.96
CA PHE A 21 7.66 13.88 -7.48
C PHE A 21 6.17 13.99 -7.75
N ARG A 22 5.56 12.85 -8.14
CA ARG A 22 4.13 12.81 -8.44
C ARG A 22 3.33 12.84 -7.15
N GLU A 23 3.86 12.15 -6.15
CA GLU A 23 3.23 12.12 -4.85
C GLU A 23 3.21 13.54 -4.36
N LEU A 24 4.33 14.24 -4.49
CA LEU A 24 4.39 15.62 -4.02
C LEU A 24 3.40 16.54 -4.74
N GLY A 25 2.88 16.10 -5.89
CA GLY A 25 1.91 16.91 -6.62
C GLY A 25 2.28 17.14 -8.08
N ALA A 26 3.58 17.06 -8.35
CA ALA A 26 4.08 17.26 -9.69
C ALA A 26 3.43 16.30 -10.67
N TYR A 27 3.44 16.68 -11.95
CA TYR A 27 2.89 15.88 -13.03
C TYR A 27 4.05 15.38 -13.87
N VAL A 28 4.54 14.19 -13.56
CA VAL A 28 5.66 13.60 -14.28
C VAL A 28 5.18 12.68 -15.38
N LEU A 29 5.64 12.94 -16.61
CA LEU A 29 5.30 12.15 -17.81
C LEU A 29 6.52 11.44 -18.37
N ASP A 30 6.50 10.11 -18.25
CA ASP A 30 7.58 9.24 -18.74
C ASP A 30 7.54 9.26 -20.27
N ALA A 31 8.46 10.01 -20.86
CA ALA A 31 8.55 10.12 -22.31
C ALA A 31 8.83 8.77 -22.98
N ASP A 32 9.86 8.09 -22.49
CA ASP A 32 10.25 6.81 -23.02
C ASP A 32 9.10 5.81 -23.00
N LYS A 33 8.45 5.69 -21.84
CA LYS A 33 7.31 4.78 -21.66
C LYS A 33 6.26 5.08 -22.71
N LEU A 34 5.93 6.36 -22.88
CA LEU A 34 4.93 6.78 -23.85
C LEU A 34 5.33 6.36 -25.25
N ILE A 35 6.56 6.70 -25.64
CA ILE A 35 7.04 6.38 -26.99
C ILE A 35 6.77 4.91 -27.31
N HIS A 36 7.28 4.00 -26.47
CA HIS A 36 7.08 2.59 -26.72
C HIS A 36 5.63 2.23 -27.07
N SER A 37 4.68 3.03 -26.63
CA SER A 37 3.28 2.75 -26.92
C SER A 37 2.96 3.15 -28.34
N PHE A 38 3.90 3.79 -29.00
CA PHE A 38 3.68 4.24 -30.37
C PHE A 38 3.82 3.11 -31.37
N TYR A 39 4.65 2.13 -31.02
CA TYR A 39 4.91 0.99 -31.88
C TYR A 39 3.96 -0.21 -31.67
N ARG A 40 2.84 0.04 -30.99
CA ARG A 40 1.86 -1.00 -30.69
C ARG A 40 1.06 -1.51 -31.89
N LYS A 41 0.01 -0.81 -32.29
CA LYS A 41 -0.77 -1.30 -33.44
C LYS A 41 -1.70 -0.27 -34.05
N GLY A 42 -2.89 -0.13 -33.47
CA GLY A 42 -3.82 0.86 -33.99
C GLY A 42 -3.30 2.27 -33.78
N HIS A 43 -2.29 2.40 -32.92
CA HIS A 43 -1.71 3.71 -32.65
C HIS A 43 -1.37 4.40 -33.96
N PRO A 44 -1.66 5.70 -34.03
CA PRO A 44 -1.38 6.48 -35.23
C PRO A 44 0.10 6.47 -35.62
N VAL A 45 0.98 6.36 -34.62
CA VAL A 45 2.42 6.34 -34.90
C VAL A 45 2.77 5.07 -35.67
N TYR A 46 2.11 3.98 -35.30
CA TYR A 46 2.32 2.69 -35.94
C TYR A 46 2.12 2.85 -37.44
N GLU A 47 0.94 3.33 -37.82
CA GLU A 47 0.59 3.50 -39.23
C GLU A 47 1.60 4.32 -40.04
N GLU A 48 2.33 5.20 -39.37
CA GLU A 48 3.31 6.04 -40.03
C GLU A 48 4.64 5.34 -40.16
N VAL A 49 5.10 4.77 -39.06
CA VAL A 49 6.36 4.06 -39.06
C VAL A 49 6.39 2.97 -40.13
N VAL A 50 5.24 2.35 -40.39
CA VAL A 50 5.18 1.31 -41.42
C VAL A 50 5.04 1.97 -42.79
N LYS A 51 4.21 3.01 -42.85
CA LYS A 51 3.96 3.76 -44.06
C LYS A 51 5.26 4.30 -44.66
N THR A 52 6.23 4.63 -43.81
CA THR A 52 7.49 5.17 -44.31
C THR A 52 8.67 4.21 -44.34
N PHE A 53 8.58 3.09 -43.64
CA PHE A 53 9.70 2.15 -43.65
C PHE A 53 9.43 0.82 -44.31
N GLY A 54 8.16 0.53 -44.60
CA GLY A 54 7.87 -0.74 -45.25
C GLY A 54 6.71 -1.52 -44.70
N LYS A 55 5.60 -1.46 -45.42
CA LYS A 55 4.35 -2.15 -45.09
C LYS A 55 4.57 -3.55 -44.52
N GLY A 56 5.78 -4.06 -44.61
CA GLY A 56 5.99 -5.38 -44.07
C GLY A 56 7.43 -5.67 -43.81
N ILE A 57 8.33 -4.97 -44.47
CA ILE A 57 9.71 -5.26 -44.26
C ILE A 57 10.01 -5.38 -42.77
N LEU A 58 9.45 -4.48 -41.97
CA LEU A 58 9.69 -4.51 -40.52
C LEU A 58 8.52 -5.11 -39.75
N ASP A 59 7.76 -5.98 -40.41
CA ASP A 59 6.61 -6.61 -39.77
C ASP A 59 6.80 -8.09 -39.44
N GLU A 60 6.03 -8.54 -38.46
CA GLU A 60 6.05 -9.91 -37.98
C GLU A 60 4.63 -10.33 -37.64
N GLU A 61 3.82 -10.51 -38.68
CA GLU A 61 2.41 -10.89 -38.52
C GLU A 61 1.69 -10.07 -37.45
N GLY A 62 1.10 -8.96 -37.87
CA GLY A 62 0.36 -8.11 -36.95
C GLY A 62 1.09 -6.85 -36.53
N ASN A 63 2.15 -7.00 -35.74
CA ASN A 63 2.91 -5.85 -35.27
C ASN A 63 4.23 -5.68 -36.00
N ILE A 64 5.12 -4.88 -35.42
CA ILE A 64 6.42 -4.63 -36.02
C ILE A 64 7.57 -5.18 -35.20
N ASP A 65 8.53 -5.77 -35.91
CA ASP A 65 9.71 -6.33 -35.28
C ASP A 65 10.62 -5.21 -34.82
N ARG A 66 10.69 -4.97 -33.53
CA ARG A 66 11.54 -3.90 -33.01
C ARG A 66 13.01 -4.11 -33.36
N LYS A 67 13.35 -5.31 -33.83
CA LYS A 67 14.72 -5.63 -34.20
C LYS A 67 14.95 -5.40 -35.69
N LYS A 68 13.99 -5.78 -36.50
CA LYS A 68 14.10 -5.59 -37.93
C LYS A 68 14.24 -4.10 -38.19
N LEU A 69 13.36 -3.29 -37.60
CA LEU A 69 13.43 -1.84 -37.79
C LEU A 69 14.77 -1.27 -37.32
N ALA A 70 15.09 -1.49 -36.04
CA ALA A 70 16.35 -1.01 -35.46
C ALA A 70 17.54 -1.47 -36.29
N ASP A 71 17.29 -2.41 -37.18
CA ASP A 71 18.32 -2.94 -38.03
C ASP A 71 18.47 -2.03 -39.23
N ILE A 72 17.42 -1.95 -40.06
CA ILE A 72 17.45 -1.12 -41.24
C ILE A 72 17.56 0.36 -40.92
N VAL A 73 17.92 0.67 -39.68
CA VAL A 73 18.04 2.05 -39.28
C VAL A 73 19.43 2.31 -38.72
N PHE A 74 20.24 1.27 -38.70
CA PHE A 74 21.58 1.39 -38.17
C PHE A 74 22.58 1.43 -39.33
N LYS A 75 22.05 1.47 -40.54
CA LYS A 75 22.87 1.54 -41.75
C LYS A 75 23.01 2.99 -42.19
N ASP A 76 21.88 3.61 -42.53
CA ASP A 76 21.91 5.01 -42.96
C ASP A 76 21.17 5.91 -41.98
N GLU A 77 21.90 6.83 -41.36
CA GLU A 77 21.34 7.75 -40.38
C GLU A 77 20.27 8.66 -40.96
N GLU A 78 19.93 8.44 -42.24
CA GLU A 78 18.90 9.23 -42.89
C GLU A 78 17.54 8.70 -42.47
N LYS A 79 17.45 7.38 -42.34
CA LYS A 79 16.20 6.75 -41.94
C LYS A 79 15.97 6.98 -40.45
N LEU A 80 17.03 6.86 -39.68
CA LEU A 80 16.93 7.08 -38.25
C LEU A 80 16.39 8.48 -37.97
N ARG A 81 16.92 9.47 -38.69
CA ARG A 81 16.50 10.86 -38.54
C ARG A 81 15.01 10.98 -38.74
N LYS A 82 14.50 10.20 -39.69
CA LYS A 82 13.08 10.21 -40.00
C LYS A 82 12.31 9.50 -38.90
N LEU A 83 12.94 8.51 -38.28
CA LEU A 83 12.29 7.79 -37.21
C LEU A 83 12.23 8.68 -35.97
N GLU A 84 13.36 9.30 -35.62
CA GLU A 84 13.42 10.19 -34.48
C GLU A 84 12.44 11.35 -34.67
N GLU A 85 12.08 11.62 -35.92
CA GLU A 85 11.14 12.70 -36.22
C GLU A 85 9.71 12.32 -35.90
N ILE A 86 9.24 11.24 -36.51
CA ILE A 86 7.88 10.76 -36.27
C ILE A 86 7.61 10.64 -34.77
N THR A 87 8.61 10.19 -34.04
CA THR A 87 8.50 10.06 -32.60
C THR A 87 8.14 11.41 -31.97
N HIS A 88 9.08 12.36 -31.98
CA HIS A 88 8.83 13.68 -31.40
C HIS A 88 7.62 14.34 -31.98
N ARG A 89 7.31 14.02 -33.23
CA ARG A 89 6.14 14.61 -33.87
C ARG A 89 4.89 14.09 -33.17
N ALA A 90 5.05 13.07 -32.32
CA ALA A 90 3.93 12.49 -31.59
C ALA A 90 4.01 12.87 -30.12
N LEU A 91 5.24 13.04 -29.64
CA LEU A 91 5.50 13.40 -28.26
C LEU A 91 5.11 14.86 -28.06
N TYR A 92 5.71 15.74 -28.85
CA TYR A 92 5.40 17.17 -28.71
C TYR A 92 4.02 17.51 -29.28
N LYS A 93 3.28 16.49 -29.71
CA LYS A 93 1.95 16.71 -30.25
C LYS A 93 0.95 16.16 -29.25
N GLU A 94 1.47 15.44 -28.27
CA GLU A 94 0.65 14.84 -27.24
C GLU A 94 0.89 15.58 -25.91
N ILE A 95 2.09 16.14 -25.77
CA ILE A 95 2.43 16.87 -24.57
C ILE A 95 1.53 18.08 -24.40
N GLU A 96 1.32 18.82 -25.48
CA GLU A 96 0.47 19.99 -25.41
C GLU A 96 -0.98 19.56 -25.20
N LYS A 97 -1.29 18.32 -25.56
CA LYS A 97 -2.65 17.79 -25.40
C LYS A 97 -2.95 17.62 -23.93
N ILE A 98 -1.92 17.23 -23.17
CA ILE A 98 -2.04 17.03 -21.74
C ILE A 98 -1.99 18.37 -21.02
N THR A 99 -1.16 19.28 -21.54
CA THR A 99 -1.01 20.61 -20.96
C THR A 99 -2.31 21.40 -21.10
N LYS A 100 -3.17 20.90 -21.97
CA LYS A 100 -4.47 21.51 -22.24
C LYS A 100 -5.28 21.55 -20.95
N ASN A 101 -5.59 20.36 -20.43
CA ASN A 101 -6.36 20.22 -19.20
C ASN A 101 -5.54 20.51 -17.96
N LEU A 102 -4.21 20.45 -18.09
CA LEU A 102 -3.34 20.69 -16.95
C LEU A 102 -3.45 22.11 -16.40
N SER A 103 -3.93 22.18 -15.16
CA SER A 103 -4.09 23.45 -14.45
C SER A 103 -2.77 24.21 -14.45
N GLU A 104 -2.81 25.53 -14.34
CA GLU A 104 -1.60 26.32 -14.34
C GLU A 104 -0.81 26.19 -13.03
N ASP A 105 0.41 26.72 -13.04
CA ASP A 105 1.31 26.67 -11.88
C ASP A 105 1.66 25.25 -11.47
N THR A 106 1.10 24.28 -12.20
CA THR A 106 1.33 22.86 -11.95
C THR A 106 2.78 22.54 -12.29
N LEU A 107 3.36 21.58 -11.59
CA LEU A 107 4.74 21.22 -11.81
C LEU A 107 4.80 20.07 -12.81
N PHE A 108 5.06 20.42 -14.07
CA PHE A 108 5.14 19.46 -15.14
C PHE A 108 6.57 19.02 -15.42
N ILE A 109 6.85 17.73 -15.17
CA ILE A 109 8.17 17.17 -15.39
C ILE A 109 8.09 16.13 -16.49
N LEU A 110 9.19 15.93 -17.20
CA LEU A 110 9.26 14.95 -18.28
C LEU A 110 10.53 14.12 -18.18
N GLU A 111 10.40 12.82 -17.95
CA GLU A 111 11.56 11.96 -17.84
C GLU A 111 11.74 11.12 -19.09
N ALA A 112 12.92 11.23 -19.70
CA ALA A 112 13.25 10.50 -20.91
C ALA A 112 14.64 9.88 -20.83
N SER A 113 15.42 10.31 -19.83
CA SER A 113 16.76 9.79 -19.62
C SER A 113 17.68 10.06 -20.82
N LEU A 114 17.14 10.71 -21.85
CA LEU A 114 17.90 11.04 -23.05
C LEU A 114 17.59 12.47 -23.51
N LEU A 115 17.66 13.43 -22.58
CA LEU A 115 17.41 14.85 -22.88
C LEU A 115 18.74 15.56 -23.03
N VAL A 116 19.82 14.86 -22.70
CA VAL A 116 21.15 15.43 -22.80
C VAL A 116 21.75 15.09 -24.16
N GLU A 117 22.20 13.85 -24.32
CA GLU A 117 22.81 13.43 -25.58
C GLU A 117 21.94 13.72 -26.78
N LYS A 118 20.63 13.56 -26.64
CA LYS A 118 19.70 13.82 -27.73
C LYS A 118 19.54 15.32 -27.91
N GLY A 119 20.22 16.07 -27.05
CA GLY A 119 20.15 17.52 -27.10
C GLY A 119 18.72 18.03 -27.12
N THR A 120 18.02 17.86 -26.00
CA THR A 120 16.62 18.30 -25.88
C THR A 120 16.42 19.09 -24.60
N TYR A 121 17.36 18.99 -23.68
CA TYR A 121 17.25 19.69 -22.40
C TYR A 121 17.05 21.20 -22.58
N LYS A 122 17.44 21.70 -23.75
CA LYS A 122 17.32 23.11 -24.05
C LYS A 122 15.85 23.49 -24.30
N ASN A 123 15.01 22.47 -24.43
CA ASN A 123 13.58 22.67 -24.68
C ASN A 123 12.80 22.84 -23.37
N TYR A 124 13.50 22.66 -22.25
CA TYR A 124 12.90 22.78 -20.91
C TYR A 124 13.72 23.71 -20.01
N ASP A 125 13.01 24.54 -19.24
CA ASP A 125 13.62 25.50 -18.32
C ASP A 125 14.82 24.92 -17.59
N LYS A 126 14.56 24.16 -16.53
CA LYS A 126 15.61 23.55 -15.75
C LYS A 126 15.68 22.05 -16.01
N LEU A 127 16.83 21.46 -15.67
CA LEU A 127 17.06 20.02 -15.85
C LEU A 127 17.43 19.36 -14.53
N ILE A 128 16.94 18.15 -14.34
CA ILE A 128 17.20 17.41 -13.12
C ILE A 128 17.81 16.10 -13.51
N VAL A 129 18.92 15.76 -12.88
CA VAL A 129 19.60 14.51 -13.18
C VAL A 129 19.84 13.72 -11.90
N VAL A 130 19.65 12.42 -11.99
CA VAL A 130 19.82 11.50 -10.87
C VAL A 130 21.13 10.73 -11.00
N TYR A 131 22.07 11.00 -10.10
CA TYR A 131 23.37 10.34 -10.13
C TYR A 131 23.34 8.99 -9.44
N ALA A 132 24.19 8.09 -9.93
CA ALA A 132 24.29 6.74 -9.39
C ALA A 132 25.42 5.99 -10.10
N PRO A 133 26.43 5.53 -9.33
CA PRO A 133 27.56 4.80 -9.90
C PRO A 133 27.18 3.56 -10.70
N TYR A 134 27.95 3.29 -11.75
CA TYR A 134 27.75 2.13 -12.63
C TYR A 134 27.52 0.87 -11.81
N GLU A 135 28.19 0.77 -10.67
CA GLU A 135 28.06 -0.40 -9.80
C GLU A 135 26.63 -0.57 -9.27
N VAL A 136 26.10 0.49 -8.68
CA VAL A 136 24.76 0.47 -8.12
C VAL A 136 23.68 0.30 -9.20
N CYS A 137 23.89 0.96 -10.33
CA CYS A 137 22.93 0.89 -11.42
C CYS A 137 22.85 -0.50 -12.01
N LYS A 138 24.01 -1.15 -12.15
CA LYS A 138 24.05 -2.47 -12.71
C LYS A 138 23.26 -3.46 -11.86
N GLU A 139 23.71 -3.68 -10.62
CA GLU A 139 23.02 -4.63 -9.72
C GLU A 139 21.56 -4.25 -9.54
N ARG A 140 21.26 -2.96 -9.75
CA ARG A 140 19.91 -2.45 -9.63
C ARG A 140 19.06 -3.06 -10.74
N ALA A 141 19.56 -3.00 -11.97
CA ALA A 141 18.83 -3.56 -13.09
C ALA A 141 18.87 -5.07 -12.99
N ILE A 142 19.88 -5.58 -12.27
CA ILE A 142 20.06 -7.02 -12.07
C ILE A 142 18.96 -7.57 -11.17
N LYS A 143 18.88 -7.04 -9.95
CA LYS A 143 17.88 -7.49 -8.99
C LYS A 143 16.45 -7.34 -9.57
N ARG A 144 16.33 -6.50 -10.59
CA ARG A 144 15.04 -6.27 -11.24
C ARG A 144 14.94 -7.13 -12.50
N GLY A 145 16.03 -7.85 -12.79
CA GLY A 145 16.06 -8.71 -13.95
C GLY A 145 16.14 -7.93 -15.25
N MSE A 146 17.23 -8.11 -15.98
CA MSE A 146 17.42 -7.43 -17.26
C MSE A 146 18.63 -8.01 -18.00
O MSE A 146 18.93 -7.60 -19.12
CB MSE A 146 17.63 -5.93 -17.07
CG MSE A 146 17.33 -5.12 -18.32
SE MSE A 146 18.06 -3.32 -18.32
CE MSE A 146 18.84 -3.30 -20.09
N SER A 147 19.33 -8.96 -17.36
CA SER A 147 20.50 -9.61 -17.94
C SER A 147 21.68 -8.64 -18.05
N GLU A 148 22.85 -9.06 -17.55
CA GLU A 148 24.04 -8.21 -17.57
C GLU A 148 24.41 -7.59 -18.92
N GLU A 149 24.56 -8.41 -19.96
CA GLU A 149 24.91 -7.90 -21.28
C GLU A 149 23.88 -6.91 -21.82
N ASP A 150 22.61 -7.24 -21.65
CA ASP A 150 21.53 -6.36 -22.10
C ASP A 150 21.66 -4.97 -21.49
N PHE A 151 21.91 -4.93 -20.17
CA PHE A 151 22.08 -3.68 -19.45
C PHE A 151 23.24 -2.89 -20.03
N GLU A 152 24.41 -3.51 -20.05
CA GLU A 152 25.61 -2.89 -20.56
C GLU A 152 25.47 -2.49 -22.02
N ARG A 153 24.54 -3.14 -22.70
CA ARG A 153 24.31 -2.85 -24.10
C ARG A 153 23.69 -1.46 -24.24
N ARG A 154 22.89 -1.07 -23.26
CA ARG A 154 22.24 0.24 -23.27
C ARG A 154 23.13 1.27 -22.58
N TRP A 155 23.60 0.93 -21.39
CA TRP A 155 24.46 1.82 -20.62
C TRP A 155 25.59 2.39 -21.48
N LYS A 156 26.04 1.60 -22.45
CA LYS A 156 27.11 2.04 -23.33
C LYS A 156 26.65 3.31 -24.06
N LYS A 157 25.43 3.25 -24.62
CA LYS A 157 24.86 4.37 -25.36
C LYS A 157 24.82 5.66 -24.54
N GLN A 158 24.32 5.56 -23.32
CA GLN A 158 24.24 6.73 -22.45
C GLN A 158 25.63 7.22 -22.10
N MSE A 159 25.82 8.54 -22.17
CA MSE A 159 27.11 9.13 -21.85
C MSE A 159 27.46 8.93 -20.38
O MSE A 159 26.60 8.66 -19.56
CB MSE A 159 27.10 10.63 -22.15
CG MSE A 159 26.28 11.44 -21.17
SE MSE A 159 26.81 13.31 -21.18
CE MSE A 159 25.97 13.84 -22.84
N PRO A 160 28.76 9.05 -20.05
CA PRO A 160 29.23 8.88 -18.67
C PRO A 160 28.40 9.71 -17.71
N ILE A 161 27.66 9.02 -16.84
CA ILE A 161 26.80 9.68 -15.86
C ILE A 161 27.60 10.72 -15.05
N GLU A 162 28.87 10.43 -14.82
CA GLU A 162 29.73 11.32 -14.06
C GLU A 162 29.98 12.62 -14.82
N GLU A 163 29.59 12.64 -16.10
CA GLU A 163 29.74 13.84 -16.93
C GLU A 163 28.36 14.48 -17.09
N LYS A 164 27.33 13.65 -17.23
CA LYS A 164 25.96 14.13 -17.38
C LYS A 164 25.56 15.02 -16.22
N VAL A 165 26.00 14.65 -15.03
CA VAL A 165 25.70 15.42 -13.82
C VAL A 165 26.00 16.91 -14.01
N LYS A 166 27.02 17.18 -14.82
CA LYS A 166 27.43 18.54 -15.12
C LYS A 166 26.53 19.20 -16.17
N TYR A 167 25.30 18.70 -16.30
CA TYR A 167 24.36 19.25 -17.27
C TYR A 167 23.08 19.80 -16.65
N ALA A 168 22.82 19.42 -15.41
CA ALA A 168 21.63 19.87 -14.73
C ALA A 168 21.91 20.75 -13.54
N ASP A 169 20.92 21.58 -13.21
CA ASP A 169 21.02 22.50 -12.08
C ASP A 169 20.51 21.83 -10.81
N TYR A 170 20.18 20.55 -10.90
CA TYR A 170 19.72 19.80 -9.74
C TYR A 170 20.15 18.34 -9.85
N VAL A 171 20.83 17.85 -8.83
CA VAL A 171 21.29 16.47 -8.85
C VAL A 171 20.91 15.73 -7.59
N ILE A 172 19.88 14.89 -7.70
CA ILE A 172 19.45 14.12 -6.54
C ILE A 172 20.13 12.77 -6.47
N ASP A 173 21.36 12.76 -5.97
CA ASP A 173 22.11 11.51 -5.85
C ASP A 173 21.27 10.37 -5.28
N ASN A 174 21.22 9.26 -6.02
CA ASN A 174 20.44 8.09 -5.59
C ASN A 174 21.34 6.88 -5.38
N SER A 175 22.44 7.06 -4.65
CA SER A 175 23.38 5.99 -4.35
C SER A 175 23.32 5.63 -2.88
N GLY A 176 22.98 6.62 -2.05
CA GLY A 176 22.89 6.43 -0.61
C GLY A 176 21.71 5.56 -0.18
N SER A 177 20.72 6.19 0.46
CA SER A 177 19.53 5.49 0.92
C SER A 177 18.29 6.10 0.31
N ILE A 178 17.14 5.55 0.67
CA ILE A 178 15.87 6.02 0.18
C ILE A 178 15.46 7.28 0.91
N GLU A 179 15.77 7.33 2.20
CA GLU A 179 15.44 8.49 3.02
C GLU A 179 16.10 9.74 2.47
N GLU A 180 17.35 9.60 2.02
CA GLU A 180 18.10 10.71 1.47
C GLU A 180 17.61 11.10 0.09
N THR A 181 17.36 10.12 -0.75
CA THR A 181 16.91 10.44 -2.09
C THR A 181 15.61 11.22 -2.07
N TYR A 182 14.68 10.83 -1.19
CA TYR A 182 13.38 11.51 -1.07
C TYR A 182 13.50 12.87 -0.37
N LYS A 183 14.44 12.95 0.57
CA LYS A 183 14.65 14.17 1.30
C LYS A 183 15.20 15.22 0.34
N GLN A 184 15.90 14.77 -0.70
CA GLN A 184 16.48 15.66 -1.71
C GLN A 184 15.45 16.17 -2.71
N VAL A 185 14.69 15.26 -3.30
CA VAL A 185 13.67 15.65 -4.25
C VAL A 185 12.76 16.67 -3.56
N LYS A 186 12.40 16.39 -2.31
CA LYS A 186 11.54 17.31 -1.57
C LYS A 186 12.10 18.71 -1.57
N LYS A 187 13.41 18.82 -1.34
CA LYS A 187 14.09 20.10 -1.33
C LYS A 187 13.90 20.71 -2.71
N VAL A 188 14.21 19.95 -3.74
CA VAL A 188 14.06 20.47 -5.09
C VAL A 188 12.63 20.91 -5.39
N TYR A 189 11.66 20.06 -5.08
CA TYR A 189 10.29 20.45 -5.35
C TYR A 189 9.95 21.80 -4.71
N GLU A 190 10.60 22.10 -3.59
CA GLU A 190 10.37 23.37 -2.90
C GLU A 190 11.02 24.48 -3.70
N GLU A 191 12.19 24.17 -4.25
CA GLU A 191 12.90 25.14 -5.04
C GLU A 191 12.29 25.29 -6.45
N LEU A 192 11.10 24.76 -6.67
CA LEU A 192 10.49 24.89 -7.99
C LEU A 192 9.11 25.50 -7.91
N THR A 193 8.53 25.45 -6.71
CA THR A 193 7.21 25.99 -6.50
C THR A 193 7.21 27.18 -5.57
N ARG A 194 8.40 27.73 -5.32
CA ARG A 194 8.54 28.89 -4.44
C ARG A 194 7.57 30.00 -4.86
N MSE B 1 13.61 2.15 21.68
CA MSE B 1 13.20 0.88 21.02
C MSE B 1 13.01 1.06 19.52
O MSE B 1 13.07 0.10 18.76
CB MSE B 1 11.91 0.36 21.60
CG MSE B 1 11.56 -0.99 21.06
SE MSE B 1 9.67 -1.27 21.09
CE MSE B 1 9.51 -2.16 22.81
N LYS B 2 12.75 2.30 19.13
CA LYS B 2 12.55 2.68 17.74
C LYS B 2 11.09 2.55 17.31
N ARG B 3 10.35 3.64 17.46
CA ARG B 3 8.95 3.68 17.09
C ARG B 3 8.77 4.43 15.78
N ILE B 4 7.98 3.84 14.90
CA ILE B 4 7.72 4.45 13.61
C ILE B 4 6.25 4.80 13.47
N GLY B 5 5.98 5.96 12.89
CA GLY B 5 4.60 6.37 12.68
C GLY B 5 4.19 6.06 11.26
N LEU B 6 3.03 5.39 11.12
CA LEU B 6 2.45 5.01 9.82
C LEU B 6 1.10 5.73 9.67
N THR B 7 0.99 6.61 8.67
CA THR B 7 -0.23 7.37 8.45
C THR B 7 -0.62 7.44 6.96
N GLY B 8 -1.73 8.09 6.67
CA GLY B 8 -2.20 8.23 5.30
C GLY B 8 -3.60 8.82 5.32
N ASN B 9 -4.17 9.10 4.16
CA ASN B 9 -5.52 9.62 4.15
C ASN B 9 -6.47 8.46 4.01
N ILE B 10 -7.75 8.71 4.28
CA ILE B 10 -8.73 7.64 4.17
C ILE B 10 -8.76 7.10 2.74
N GLY B 11 -8.72 5.77 2.60
CA GLY B 11 -8.76 5.19 1.27
C GLY B 11 -7.40 4.94 0.66
N CYS B 12 -6.32 5.19 1.39
CA CYS B 12 -4.99 4.97 0.86
C CYS B 12 -4.58 3.52 1.07
N GLY B 13 -5.32 2.85 1.95
CA GLY B 13 -5.05 1.45 2.26
C GLY B 13 -3.82 1.30 3.12
N LYS B 14 -3.74 2.06 4.20
CA LYS B 14 -2.58 1.96 5.07
C LYS B 14 -2.55 0.68 5.87
N SER B 15 -3.72 0.09 6.10
CA SER B 15 -3.78 -1.15 6.83
C SER B 15 -3.31 -2.34 5.97
N THR B 16 -3.29 -2.16 4.66
CA THR B 16 -2.82 -3.23 3.78
C THR B 16 -1.30 -3.20 3.92
N VAL B 17 -0.79 -1.99 4.10
CA VAL B 17 0.63 -1.75 4.31
C VAL B 17 0.96 -2.29 5.71
N ALA B 18 0.19 -1.86 6.71
CA ALA B 18 0.36 -2.27 8.10
C ALA B 18 0.59 -3.75 8.11
N GLN B 19 -0.36 -4.45 7.54
CA GLN B 19 -0.30 -5.90 7.46
C GLN B 19 1.00 -6.45 6.89
N MSE B 20 1.52 -5.79 5.85
CA MSE B 20 2.76 -6.23 5.20
C MSE B 20 3.96 -6.06 6.13
O MSE B 20 4.85 -6.92 6.20
CB MSE B 20 2.99 -5.42 3.92
CG MSE B 20 1.87 -5.59 2.93
SE MSE B 20 2.15 -4.50 1.38
CE MSE B 20 1.77 -5.80 0.01
N PHE B 21 4.00 -4.92 6.83
CA PHE B 21 5.07 -4.65 7.76
C PHE B 21 5.12 -5.77 8.80
N ARG B 22 3.95 -6.15 9.29
CA ARG B 22 3.85 -7.21 10.27
C ARG B 22 4.49 -8.48 9.73
N GLU B 23 4.08 -8.85 8.52
CA GLU B 23 4.60 -10.02 7.87
C GLU B 23 6.11 -9.94 7.76
N LEU B 24 6.64 -8.73 7.63
CA LEU B 24 8.10 -8.54 7.51
C LEU B 24 8.81 -8.66 8.85
N GLY B 25 8.03 -8.70 9.94
CA GLY B 25 8.56 -8.82 11.29
C GLY B 25 8.09 -7.72 12.23
N ALA B 26 7.84 -6.54 11.68
CA ALA B 26 7.41 -5.39 12.47
C ALA B 26 6.14 -5.60 13.28
N TYR B 27 5.98 -4.79 14.33
CA TYR B 27 4.81 -4.85 15.20
C TYR B 27 4.00 -3.61 14.91
N VAL B 28 2.89 -3.77 14.19
CA VAL B 28 2.04 -2.64 13.84
C VAL B 28 0.76 -2.59 14.63
N LEU B 29 0.46 -1.44 15.22
CA LEU B 29 -0.75 -1.24 15.99
C LEU B 29 -1.72 -0.20 15.35
N ASP B 30 -2.91 -0.67 14.95
CA ASP B 30 -3.92 0.20 14.35
C ASP B 30 -4.49 1.02 15.48
N ALA B 31 -3.88 2.16 15.74
CA ALA B 31 -4.29 3.05 16.81
C ALA B 31 -5.71 3.57 16.61
N ASP B 32 -6.06 3.90 15.37
CA ASP B 32 -7.38 4.45 15.09
C ASP B 32 -8.46 3.45 15.45
N LYS B 33 -8.18 2.17 15.25
CA LYS B 33 -9.18 1.16 15.56
C LYS B 33 -9.27 0.91 17.06
N LEU B 34 -8.14 1.05 17.74
CA LEU B 34 -8.08 0.87 19.19
C LEU B 34 -8.90 1.98 19.86
N ILE B 35 -8.59 3.21 19.49
CA ILE B 35 -9.30 4.35 20.05
C ILE B 35 -10.81 4.21 19.83
N HIS B 36 -11.18 3.45 18.82
CA HIS B 36 -12.58 3.22 18.49
C HIS B 36 -13.19 2.25 19.49
N SER B 37 -12.38 1.29 19.91
CA SER B 37 -12.83 0.29 20.87
C SER B 37 -12.83 0.88 22.28
N PHE B 38 -12.74 2.19 22.37
CA PHE B 38 -12.73 2.84 23.67
C PHE B 38 -14.15 3.23 24.06
N TYR B 39 -15.03 3.29 23.06
CA TYR B 39 -16.43 3.68 23.28
C TYR B 39 -17.37 2.50 23.52
N ARG B 40 -16.81 1.33 23.84
CA ARG B 40 -17.57 0.11 24.10
C ARG B 40 -18.56 0.28 25.24
N LYS B 41 -18.11 -0.05 26.45
CA LYS B 41 -18.90 0.06 27.66
C LYS B 41 -18.04 -0.39 28.81
N GLY B 42 -17.64 -1.66 28.80
CA GLY B 42 -16.79 -2.14 29.87
C GLY B 42 -15.48 -1.35 29.92
N HIS B 43 -15.15 -0.67 28.82
CA HIS B 43 -13.92 0.10 28.75
C HIS B 43 -14.06 1.35 29.61
N PRO B 44 -13.03 1.66 30.43
CA PRO B 44 -13.05 2.84 31.31
C PRO B 44 -13.42 4.14 30.61
N VAL B 45 -12.81 4.36 29.45
CA VAL B 45 -13.07 5.56 28.69
C VAL B 45 -14.57 5.82 28.59
N TYR B 46 -15.35 4.75 28.43
CA TYR B 46 -16.79 4.90 28.32
C TYR B 46 -17.32 5.53 29.60
N GLU B 47 -16.85 5.00 30.74
CA GLU B 47 -17.26 5.51 32.04
C GLU B 47 -16.73 6.92 32.21
N GLU B 48 -15.81 7.31 31.34
CA GLU B 48 -15.22 8.63 31.42
C GLU B 48 -16.00 9.62 30.58
N VAL B 49 -16.25 9.25 29.32
CA VAL B 49 -16.95 10.13 28.40
C VAL B 49 -18.31 10.55 28.92
N VAL B 50 -18.86 9.77 29.84
CA VAL B 50 -20.16 10.08 30.43
C VAL B 50 -20.01 10.81 31.76
N LYS B 51 -18.97 10.47 32.52
CA LYS B 51 -18.73 11.14 33.78
C LYS B 51 -18.14 12.52 33.58
N THR B 52 -18.15 13.00 32.33
CA THR B 52 -17.62 14.32 32.03
C THR B 52 -18.55 15.03 31.07
N PHE B 53 -19.13 14.28 30.14
CA PHE B 53 -20.06 14.88 29.19
C PHE B 53 -21.50 14.59 29.54
N GLY B 54 -21.72 14.03 30.73
CA GLY B 54 -23.07 13.71 31.14
C GLY B 54 -23.48 12.31 30.76
N LYS B 55 -24.62 11.86 31.25
CA LYS B 55 -25.10 10.53 30.93
C LYS B 55 -26.45 10.64 30.24
N GLY B 56 -26.48 11.23 29.06
CA GLY B 56 -27.76 11.35 28.40
C GLY B 56 -27.71 11.69 26.94
N ILE B 57 -27.44 12.96 26.65
CA ILE B 57 -27.35 13.45 25.29
C ILE B 57 -26.47 12.49 24.47
N LEU B 58 -25.64 11.73 25.17
CA LEU B 58 -24.77 10.76 24.51
C LEU B 58 -25.05 9.35 25.01
N ASP B 59 -26.32 8.95 24.97
CA ASP B 59 -26.73 7.63 25.40
C ASP B 59 -28.11 7.31 24.86
N GLU B 60 -28.14 6.44 23.87
CA GLU B 60 -29.38 6.05 23.22
C GLU B 60 -29.68 4.59 23.48
N GLU B 61 -30.47 4.31 24.51
CA GLU B 61 -30.85 2.95 24.89
C GLU B 61 -29.72 1.93 24.71
N GLY B 62 -28.49 2.38 24.93
CA GLY B 62 -27.36 1.49 24.78
C GLY B 62 -26.02 2.16 25.01
N ASN B 63 -25.41 2.63 23.93
CA ASN B 63 -24.10 3.28 24.00
C ASN B 63 -24.12 4.74 23.58
N ILE B 64 -22.98 5.41 23.72
CA ILE B 64 -22.86 6.82 23.35
C ILE B 64 -23.31 7.07 21.92
N ASP B 65 -23.51 8.33 21.59
CA ASP B 65 -23.94 8.74 20.26
C ASP B 65 -22.81 9.47 19.54
N ARG B 66 -21.89 8.71 18.93
CA ARG B 66 -20.75 9.30 18.21
C ARG B 66 -21.16 10.46 17.31
N LYS B 67 -22.44 10.52 16.94
CA LYS B 67 -22.91 11.59 16.09
C LYS B 67 -23.48 12.76 16.88
N LYS B 68 -24.14 12.47 18.00
CA LYS B 68 -24.73 13.54 18.82
C LYS B 68 -23.72 14.13 19.79
N LEU B 69 -22.70 13.36 20.16
CA LEU B 69 -21.65 13.81 21.05
C LEU B 69 -20.79 14.76 20.26
N ALA B 70 -20.51 14.37 19.02
CA ALA B 70 -19.68 15.17 18.15
C ALA B 70 -20.20 16.58 18.06
N ASP B 71 -21.53 16.71 18.09
CA ASP B 71 -22.14 18.04 17.99
C ASP B 71 -21.87 18.88 19.23
N ILE B 72 -22.02 18.27 20.41
CA ILE B 72 -21.82 18.99 21.64
C ILE B 72 -20.35 19.22 21.93
N VAL B 73 -19.50 18.59 21.13
CA VAL B 73 -18.07 18.72 21.32
C VAL B 73 -17.49 19.62 20.22
N PHE B 74 -18.31 19.97 19.25
CA PHE B 74 -17.88 20.81 18.15
C PHE B 74 -18.12 22.27 18.43
N LYS B 75 -19.24 22.55 19.07
CA LYS B 75 -19.66 23.90 19.39
C LYS B 75 -18.91 24.41 20.63
N ASP B 76 -17.77 23.79 20.93
CA ASP B 76 -16.98 24.19 22.09
C ASP B 76 -15.63 23.47 22.18
N GLU B 77 -14.56 24.17 21.80
CA GLU B 77 -13.21 23.61 21.82
C GLU B 77 -12.71 23.21 23.20
N GLU B 78 -13.14 23.91 24.24
CA GLU B 78 -12.68 23.55 25.57
C GLU B 78 -13.16 22.15 25.95
N LYS B 79 -14.26 21.71 25.32
CA LYS B 79 -14.84 20.38 25.59
C LYS B 79 -14.18 19.31 24.71
N LEU B 80 -13.93 19.69 23.47
CA LEU B 80 -13.30 18.81 22.50
C LEU B 80 -12.01 18.28 23.08
N ARG B 81 -11.16 19.21 23.56
CA ARG B 81 -9.88 18.88 24.16
C ARG B 81 -10.08 17.95 25.35
N LYS B 82 -11.12 18.22 26.15
CA LYS B 82 -11.41 17.41 27.31
C LYS B 82 -11.69 15.99 26.89
N LEU B 83 -12.29 15.83 25.71
CA LEU B 83 -12.59 14.51 25.21
C LEU B 83 -11.34 13.90 24.61
N GLU B 84 -10.58 14.70 23.86
CA GLU B 84 -9.37 14.18 23.23
C GLU B 84 -8.23 14.02 24.22
N GLU B 85 -8.37 14.65 25.38
CA GLU B 85 -7.37 14.55 26.43
C GLU B 85 -7.49 13.22 27.17
N ILE B 86 -8.71 12.73 27.33
CA ILE B 86 -8.87 11.46 28.04
C ILE B 86 -8.81 10.30 27.09
N THR B 87 -9.05 10.56 25.82
CA THR B 87 -9.02 9.52 24.81
C THR B 87 -7.59 9.30 24.31
N HIS B 88 -6.71 10.28 24.56
CA HIS B 88 -5.31 10.21 24.13
C HIS B 88 -4.38 9.86 25.30
N ARG B 89 -4.92 9.83 26.50
CA ARG B 89 -4.11 9.50 27.65
C ARG B 89 -4.29 8.01 27.93
N ALA B 90 -5.28 7.41 27.27
CA ALA B 90 -5.57 5.99 27.40
C ALA B 90 -4.68 5.25 26.40
N LEU B 91 -4.66 5.76 25.18
CA LEU B 91 -3.86 5.21 24.09
C LEU B 91 -2.40 5.15 24.52
N TYR B 92 -1.90 6.28 25.01
CA TYR B 92 -0.52 6.41 25.48
C TYR B 92 -0.23 5.36 26.56
N LYS B 93 -1.23 5.08 27.40
CA LYS B 93 -1.02 4.11 28.46
C LYS B 93 -1.07 2.67 27.96
N GLU B 94 -1.78 2.46 26.86
CA GLU B 94 -1.92 1.14 26.25
C GLU B 94 -0.62 0.80 25.50
N ILE B 95 -0.06 1.81 24.84
CA ILE B 95 1.19 1.66 24.09
C ILE B 95 2.31 1.33 25.07
N GLU B 96 2.24 1.92 26.26
CA GLU B 96 3.24 1.74 27.30
C GLU B 96 3.38 0.25 27.62
N LYS B 97 2.28 -0.36 28.04
CA LYS B 97 2.28 -1.79 28.38
C LYS B 97 2.69 -2.64 27.18
N ILE B 98 2.21 -2.29 26.00
CA ILE B 98 2.58 -3.06 24.84
C ILE B 98 4.07 -2.94 24.62
N THR B 99 4.57 -1.72 24.64
CA THR B 99 5.99 -1.49 24.43
C THR B 99 6.80 -2.19 25.52
N LYS B 100 6.28 -2.13 26.75
CA LYS B 100 6.93 -2.73 27.90
C LYS B 100 7.26 -4.23 27.73
N ASN B 101 6.45 -4.96 26.98
CA ASN B 101 6.68 -6.40 26.78
C ASN B 101 7.10 -6.77 25.37
N LEU B 102 7.78 -5.86 24.70
CA LEU B 102 8.24 -6.09 23.34
C LEU B 102 9.74 -6.05 23.30
N SER B 103 10.34 -6.96 22.54
CA SER B 103 11.80 -7.01 22.43
C SER B 103 12.45 -5.70 21.98
N GLU B 104 13.68 -5.48 22.44
CA GLU B 104 14.46 -4.31 22.07
C GLU B 104 14.62 -4.29 20.56
N ASP B 105 14.48 -5.46 19.97
CA ASP B 105 14.61 -5.62 18.53
C ASP B 105 13.37 -5.09 17.80
N THR B 106 12.22 -5.70 18.06
CA THR B 106 10.95 -5.33 17.41
C THR B 106 10.88 -3.86 16.93
N LEU B 107 10.35 -3.73 15.73
CA LEU B 107 10.20 -2.45 15.06
C LEU B 107 8.75 -2.03 15.24
N PHE B 108 8.47 -1.39 16.37
CA PHE B 108 7.12 -0.93 16.69
C PHE B 108 6.68 0.16 15.76
N ILE B 109 5.55 -0.09 15.10
CA ILE B 109 4.95 0.85 14.16
C ILE B 109 3.53 1.12 14.63
N LEU B 110 3.18 2.40 14.76
CA LEU B 110 1.83 2.81 15.17
C LEU B 110 1.09 3.45 13.97
N GLU B 111 0.05 2.75 13.51
CA GLU B 111 -0.78 3.17 12.39
C GLU B 111 -1.82 4.15 12.87
N ALA B 112 -1.88 5.32 12.25
CA ALA B 112 -2.83 6.35 12.63
C ALA B 112 -3.04 7.29 11.48
N SER B 113 -4.22 7.89 11.43
CA SER B 113 -4.55 8.80 10.37
C SER B 113 -4.11 10.22 10.67
N LEU B 114 -4.63 10.79 11.74
CA LEU B 114 -4.30 12.17 12.09
C LEU B 114 -2.88 12.33 12.70
N LEU B 115 -1.99 11.41 12.38
CA LEU B 115 -0.65 11.48 12.90
C LEU B 115 -0.04 12.83 12.61
N VAL B 116 -0.24 13.34 11.39
CA VAL B 116 0.29 14.66 11.03
C VAL B 116 -0.60 15.80 11.56
N GLU B 117 -1.88 15.78 11.19
CA GLU B 117 -2.84 16.78 11.65
C GLU B 117 -2.62 17.22 13.11
N LYS B 118 -2.72 16.27 14.04
CA LYS B 118 -2.55 16.49 15.49
C LYS B 118 -1.12 16.86 15.92
N GLY B 119 -0.19 16.70 14.98
CA GLY B 119 1.19 17.05 15.24
C GLY B 119 1.94 16.05 16.08
N THR B 120 1.33 14.88 16.29
CA THR B 120 1.93 13.85 17.10
C THR B 120 2.95 13.03 16.33
N TYR B 121 2.98 13.21 15.01
CA TYR B 121 3.93 12.46 14.20
C TYR B 121 5.34 12.65 14.76
N LYS B 122 5.63 13.83 15.30
CA LYS B 122 6.97 14.11 15.84
C LYS B 122 7.35 13.21 17.01
N ASN B 123 6.36 12.53 17.59
CA ASN B 123 6.63 11.62 18.70
C ASN B 123 7.13 10.27 18.25
N TYR B 124 7.53 10.15 16.99
CA TYR B 124 8.05 8.89 16.44
C TYR B 124 9.41 9.11 15.80
N ASP B 125 10.25 8.07 15.77
CA ASP B 125 11.58 8.22 15.20
C ASP B 125 11.56 8.48 13.68
N LYS B 126 10.54 7.96 13.01
CA LYS B 126 10.38 8.15 11.57
C LYS B 126 8.91 8.10 11.25
N LEU B 127 8.55 8.72 10.14
CA LEU B 127 7.16 8.76 9.72
C LEU B 127 6.98 8.10 8.35
N ILE B 128 6.02 7.19 8.22
CA ILE B 128 5.80 6.60 6.92
C ILE B 128 4.44 7.08 6.46
N VAL B 129 4.34 7.56 5.23
CA VAL B 129 3.04 8.01 4.73
C VAL B 129 2.65 7.16 3.54
N VAL B 130 1.44 6.63 3.53
CA VAL B 130 1.03 5.83 2.39
C VAL B 130 0.32 6.78 1.42
N TYR B 131 0.69 6.73 0.16
CA TYR B 131 0.11 7.62 -0.84
C TYR B 131 -0.93 6.96 -1.71
N ALA B 132 -1.83 7.78 -2.25
CA ALA B 132 -2.88 7.29 -3.14
C ALA B 132 -3.73 8.47 -3.50
N PRO B 133 -3.59 8.96 -4.72
CA PRO B 133 -4.40 10.11 -5.11
C PRO B 133 -5.92 9.94 -4.91
N TYR B 134 -6.56 11.04 -4.51
CA TYR B 134 -7.99 11.19 -4.26
C TYR B 134 -8.84 10.29 -5.17
N GLU B 135 -8.58 10.36 -6.47
CA GLU B 135 -9.33 9.57 -7.43
C GLU B 135 -9.38 8.10 -6.98
N VAL B 136 -8.22 7.49 -6.75
CA VAL B 136 -8.14 6.07 -6.32
C VAL B 136 -8.76 5.82 -4.94
N CYS B 137 -8.52 6.76 -4.02
CA CYS B 137 -9.03 6.64 -2.68
C CYS B 137 -10.56 6.67 -2.62
N LYS B 138 -11.17 7.54 -3.41
CA LYS B 138 -12.61 7.61 -3.43
C LYS B 138 -13.18 6.26 -3.84
N GLU B 139 -12.69 5.74 -4.95
CA GLU B 139 -13.16 4.45 -5.46
C GLU B 139 -13.10 3.43 -4.35
N ARG B 140 -11.87 3.06 -4.03
CA ARG B 140 -11.58 2.10 -2.99
C ARG B 140 -12.58 2.23 -1.85
N ALA B 141 -12.77 3.47 -1.41
CA ALA B 141 -13.69 3.78 -0.31
C ALA B 141 -15.12 3.36 -0.60
N ILE B 142 -15.68 3.87 -1.70
CA ILE B 142 -17.05 3.51 -2.07
C ILE B 142 -17.14 1.98 -2.15
N LYS B 143 -16.25 1.39 -2.95
CA LYS B 143 -16.15 -0.05 -3.15
C LYS B 143 -16.22 -0.80 -1.81
N ARG B 144 -15.68 -0.19 -0.76
CA ARG B 144 -15.64 -0.76 0.60
C ARG B 144 -16.95 -0.56 1.34
N GLY B 145 -17.90 0.08 0.66
CA GLY B 145 -19.20 0.32 1.25
C GLY B 145 -19.30 1.60 2.06
N MSE B 146 -18.73 2.69 1.52
CA MSE B 146 -18.79 3.96 2.21
C MSE B 146 -19.48 4.98 1.31
O MSE B 146 -19.19 5.04 0.11
CB MSE B 146 -17.40 4.48 2.59
CG MSE B 146 -17.47 5.78 3.37
SE MSE B 146 -15.79 6.56 3.86
CE MSE B 146 -15.67 6.01 5.72
N SER B 147 -20.39 5.76 1.88
CA SER B 147 -21.15 6.77 1.15
C SER B 147 -20.27 7.75 0.37
N GLU B 148 -20.73 8.11 -0.83
CA GLU B 148 -20.02 9.05 -1.68
C GLU B 148 -19.75 10.31 -0.89
N GLU B 149 -20.80 10.75 -0.21
CA GLU B 149 -20.77 11.95 0.61
C GLU B 149 -19.87 11.72 1.82
N ASP B 150 -20.12 10.64 2.55
CA ASP B 150 -19.35 10.33 3.75
C ASP B 150 -17.84 10.31 3.50
N PHE B 151 -17.43 9.84 2.32
CA PHE B 151 -16.02 9.81 2.00
C PHE B 151 -15.39 11.20 1.98
N GLU B 152 -15.88 12.07 1.10
CA GLU B 152 -15.32 13.42 1.01
C GLU B 152 -15.36 14.21 2.32
N ARG B 153 -16.31 13.89 3.19
CA ARG B 153 -16.39 14.58 4.47
C ARG B 153 -15.07 14.33 5.21
N ARG B 154 -14.70 13.06 5.36
CA ARG B 154 -13.47 12.72 6.06
C ARG B 154 -12.24 13.21 5.31
N TRP B 155 -12.23 13.04 4.00
CA TRP B 155 -11.12 13.48 3.19
C TRP B 155 -10.85 14.99 3.29
N LYS B 156 -11.89 15.82 3.28
CA LYS B 156 -11.67 17.25 3.38
C LYS B 156 -11.18 17.64 4.76
N LYS B 157 -11.37 16.75 5.73
CA LYS B 157 -10.93 17.03 7.10
C LYS B 157 -9.43 16.77 7.31
N GLN B 158 -8.93 15.72 6.67
CA GLN B 158 -7.52 15.37 6.75
C GLN B 158 -6.72 16.29 5.84
N MSE B 159 -5.44 16.41 6.13
CA MSE B 159 -4.55 17.24 5.33
C MSE B 159 -4.38 16.62 3.95
O MSE B 159 -4.28 15.39 3.82
CB MSE B 159 -3.20 17.33 6.01
CG MSE B 159 -2.10 17.95 5.18
SE MSE B 159 -0.41 17.87 6.08
CE MSE B 159 -0.55 19.49 7.13
N PRO B 160 -4.33 17.45 2.88
CA PRO B 160 -4.17 16.96 1.51
C PRO B 160 -3.02 15.99 1.43
N ILE B 161 -3.31 14.77 1.00
CA ILE B 161 -2.29 13.74 0.89
C ILE B 161 -1.00 14.26 0.25
N GLU B 162 -1.13 15.12 -0.74
CA GLU B 162 0.03 15.68 -1.43
C GLU B 162 0.84 16.54 -0.47
N GLU B 163 0.14 17.20 0.44
CA GLU B 163 0.74 18.10 1.44
C GLU B 163 1.24 17.27 2.62
N LYS B 164 0.61 16.13 2.81
CA LYS B 164 0.94 15.21 3.89
C LYS B 164 2.22 14.44 3.59
N VAL B 165 2.26 13.87 2.41
CA VAL B 165 3.39 13.09 1.96
C VAL B 165 4.68 13.89 2.10
N LYS B 166 4.53 15.20 2.25
CA LYS B 166 5.66 16.12 2.39
C LYS B 166 6.33 15.95 3.77
N TYR B 167 5.54 15.51 4.75
CA TYR B 167 6.00 15.30 6.11
C TYR B 167 6.82 14.02 6.34
N ALA B 168 6.41 12.95 5.66
CA ALA B 168 7.05 11.65 5.80
C ALA B 168 8.55 11.63 5.49
N ASP B 169 9.19 10.57 5.94
CA ASP B 169 10.61 10.33 5.69
C ASP B 169 10.60 9.28 4.58
N TYR B 170 9.58 8.44 4.60
CA TYR B 170 9.40 7.40 3.60
C TYR B 170 7.97 7.42 3.08
N VAL B 171 7.83 7.22 1.77
CA VAL B 171 6.51 7.19 1.15
C VAL B 171 6.23 5.85 0.46
N ILE B 172 5.16 5.17 0.86
CA ILE B 172 4.77 3.91 0.23
C ILE B 172 3.66 4.24 -0.78
N ASP B 173 3.99 4.14 -2.07
CA ASP B 173 3.05 4.43 -3.15
C ASP B 173 2.10 3.27 -3.26
N ASN B 174 0.92 3.40 -2.67
CA ASN B 174 -0.04 2.31 -2.73
C ASN B 174 -1.12 2.58 -3.77
N SER B 175 -0.74 3.34 -4.77
CA SER B 175 -1.63 3.69 -5.85
C SER B 175 -1.60 2.63 -6.97
N GLY B 176 -0.41 2.03 -7.19
CA GLY B 176 -0.26 1.00 -8.20
C GLY B 176 -0.71 -0.37 -7.72
N SER B 177 -0.07 -1.45 -8.19
CA SER B 177 -0.43 -2.84 -7.81
C SER B 177 0.13 -3.29 -6.44
N ILE B 178 -0.56 -4.21 -5.76
CA ILE B 178 -0.07 -4.69 -4.47
C ILE B 178 1.41 -5.07 -4.60
N GLU B 179 1.75 -5.78 -5.67
CA GLU B 179 3.13 -6.21 -5.85
C GLU B 179 4.06 -5.02 -5.71
N GLU B 180 3.73 -3.93 -6.38
CA GLU B 180 4.55 -2.74 -6.30
C GLU B 180 4.65 -2.16 -4.89
N THR B 181 3.60 -2.40 -4.08
CA THR B 181 3.55 -1.92 -2.69
C THR B 181 4.43 -2.85 -1.84
N TYR B 182 4.22 -4.15 -2.02
CA TYR B 182 5.00 -5.12 -1.30
C TYR B 182 6.48 -4.81 -1.42
N LYS B 183 6.92 -4.52 -2.64
CA LYS B 183 8.31 -4.20 -2.93
C LYS B 183 8.80 -3.02 -2.11
N GLN B 184 8.07 -1.93 -2.12
CA GLN B 184 8.50 -0.76 -1.36
C GLN B 184 8.53 -1.06 0.13
N VAL B 185 7.41 -1.56 0.64
CA VAL B 185 7.31 -1.88 2.06
C VAL B 185 8.59 -2.58 2.50
N LYS B 186 8.91 -3.68 1.81
CA LYS B 186 10.09 -4.45 2.14
C LYS B 186 11.31 -3.56 2.14
N LYS B 187 11.52 -2.88 1.03
CA LYS B 187 12.67 -2.01 0.89
C LYS B 187 12.73 -1.06 2.09
N VAL B 188 11.60 -0.49 2.48
CA VAL B 188 11.59 0.44 3.60
C VAL B 188 12.01 -0.26 4.89
N TYR B 189 11.40 -1.43 5.14
CA TYR B 189 11.68 -2.22 6.33
C TYR B 189 13.14 -2.63 6.46
N GLU B 190 13.73 -3.12 5.38
CA GLU B 190 15.12 -3.51 5.43
C GLU B 190 15.99 -2.27 5.67
N GLU B 191 15.47 -1.08 5.38
CA GLU B 191 16.26 0.14 5.61
C GLU B 191 16.09 0.64 7.03
N LEU B 192 15.01 0.27 7.69
CA LEU B 192 14.78 0.72 9.07
C LEU B 192 15.30 -0.29 10.07
N THR B 193 15.63 -1.48 9.58
CA THR B 193 16.14 -2.55 10.44
C THR B 193 17.59 -2.91 10.13
N ARG B 194 18.13 -2.32 9.07
CA ARG B 194 19.51 -2.55 8.66
C ARG B 194 20.42 -2.27 9.83
N MSE C 1 -27.52 -14.61 7.98
CA MSE C 1 -27.10 -13.92 6.73
C MSE C 1 -26.00 -14.73 6.06
O MSE C 1 -25.61 -15.78 6.57
CB MSE C 1 -26.57 -12.52 7.05
CG MSE C 1 -25.29 -12.52 7.86
SE MSE C 1 -24.57 -10.74 8.17
CE MSE C 1 -23.73 -10.42 6.45
N LYS C 2 -25.53 -14.24 4.92
CA LYS C 2 -24.48 -14.93 4.18
C LYS C 2 -23.15 -14.87 4.94
N ARG C 3 -22.71 -16.02 5.47
CA ARG C 3 -21.45 -16.09 6.22
C ARG C 3 -20.50 -17.18 5.71
N ILE C 4 -19.32 -16.74 5.31
CA ILE C 4 -18.31 -17.63 4.78
C ILE C 4 -17.26 -17.95 5.84
N GLY C 5 -16.60 -19.09 5.69
CA GLY C 5 -15.57 -19.48 6.64
C GLY C 5 -14.22 -19.49 5.97
N LEU C 6 -13.30 -18.65 6.47
CA LEU C 6 -11.94 -18.55 5.93
C LEU C 6 -10.98 -19.25 6.89
N THR C 7 -10.28 -20.25 6.37
CA THR C 7 -9.35 -21.05 7.17
C THR C 7 -8.02 -21.36 6.45
N GLY C 8 -7.14 -22.10 7.11
CA GLY C 8 -5.86 -22.45 6.52
C GLY C 8 -4.89 -22.85 7.62
N ASN C 9 -3.61 -23.03 7.27
CA ASN C 9 -2.63 -23.41 8.27
C ASN C 9 -1.75 -22.27 8.67
N ILE C 10 -1.04 -22.46 9.78
CA ILE C 10 -0.14 -21.44 10.32
C ILE C 10 0.94 -21.00 9.31
N GLY C 11 0.83 -19.76 8.86
CA GLY C 11 1.78 -19.21 7.91
C GLY C 11 1.28 -19.21 6.48
N CYS C 12 0.15 -19.86 6.26
CA CYS C 12 -0.38 -19.92 4.93
C CYS C 12 -0.71 -18.55 4.37
N GLY C 13 -1.17 -17.65 5.22
CA GLY C 13 -1.50 -16.31 4.76
C GLY C 13 -2.91 -15.85 5.08
N LYS C 14 -3.51 -16.42 6.12
CA LYS C 14 -4.86 -16.04 6.50
C LYS C 14 -5.02 -14.55 6.82
N SER C 15 -4.10 -13.99 7.59
CA SER C 15 -4.15 -12.58 7.96
C SER C 15 -4.01 -11.64 6.78
N THR C 16 -3.19 -12.02 5.81
CA THR C 16 -3.04 -11.17 4.64
C THR C 16 -4.30 -11.22 3.84
N VAL C 17 -4.71 -12.42 3.50
CA VAL C 17 -5.92 -12.63 2.73
C VAL C 17 -7.10 -11.96 3.44
N ALA C 18 -7.22 -12.13 4.75
CA ALA C 18 -8.33 -11.50 5.44
C ALA C 18 -8.39 -10.00 5.15
N GLN C 19 -7.27 -9.29 5.15
CA GLN C 19 -7.29 -7.85 4.87
C GLN C 19 -7.85 -7.57 3.50
N MSE C 20 -7.28 -8.23 2.48
CA MSE C 20 -7.74 -8.03 1.12
C MSE C 20 -9.29 -8.07 1.03
O MSE C 20 -9.90 -7.20 0.40
CB MSE C 20 -7.11 -9.08 0.19
CG MSE C 20 -5.60 -9.18 0.31
SE MSE C 20 -4.84 -10.58 -0.84
CE MSE C 20 -3.25 -9.66 -1.50
N PHE C 21 -9.90 -9.06 1.67
CA PHE C 21 -11.35 -9.20 1.66
C PHE C 21 -11.99 -7.97 2.25
N ARG C 22 -11.33 -7.45 3.29
CA ARG C 22 -11.80 -6.25 3.94
C ARG C 22 -11.81 -5.16 2.89
N GLU C 23 -10.62 -4.85 2.38
CA GLU C 23 -10.47 -3.81 1.37
C GLU C 23 -11.48 -3.92 0.24
N LEU C 24 -12.10 -5.08 0.08
CA LEU C 24 -13.12 -5.24 -0.96
C LEU C 24 -14.51 -5.00 -0.35
N GLY C 25 -14.52 -4.67 0.94
CA GLY C 25 -15.77 -4.40 1.61
C GLY C 25 -16.42 -5.62 2.22
N ALA C 26 -15.70 -6.31 3.09
CA ALA C 26 -16.26 -7.48 3.73
C ALA C 26 -15.89 -7.42 5.19
N TYR C 27 -16.78 -7.90 6.05
CA TYR C 27 -16.49 -7.89 7.47
C TYR C 27 -15.75 -9.20 7.77
N VAL C 28 -14.45 -9.13 8.01
CA VAL C 28 -13.68 -10.34 8.32
C VAL C 28 -13.34 -10.33 9.79
N LEU C 29 -13.84 -11.32 10.51
CA LEU C 29 -13.60 -11.46 11.94
C LEU C 29 -12.45 -12.43 12.23
N ASP C 30 -11.59 -12.06 13.16
CA ASP C 30 -10.45 -12.89 13.52
C ASP C 30 -10.92 -13.77 14.66
N ALA C 31 -11.29 -14.99 14.35
CA ALA C 31 -11.76 -15.88 15.39
C ALA C 31 -10.68 -16.35 16.36
N ASP C 32 -9.43 -16.44 15.89
CA ASP C 32 -8.33 -16.87 16.75
C ASP C 32 -7.83 -15.74 17.67
N LYS C 33 -8.02 -14.49 17.27
CA LYS C 33 -7.58 -13.30 18.04
C LYS C 33 -8.65 -12.87 19.04
N LEU C 34 -9.89 -13.22 18.72
CA LEU C 34 -11.07 -12.90 19.51
C LEU C 34 -11.13 -13.76 20.78
N ILE C 35 -10.66 -14.98 20.68
CA ILE C 35 -10.66 -15.88 21.82
C ILE C 35 -9.53 -15.54 22.78
N HIS C 36 -8.36 -15.18 22.24
CA HIS C 36 -7.20 -14.83 23.06
C HIS C 36 -7.47 -13.62 23.94
N SER C 37 -8.33 -12.70 23.47
CA SER C 37 -8.68 -11.50 24.24
C SER C 37 -9.71 -11.80 25.33
N PHE C 38 -10.33 -12.97 25.23
CA PHE C 38 -11.32 -13.38 26.21
C PHE C 38 -10.70 -13.60 27.58
N TYR C 39 -9.36 -13.57 27.64
CA TYR C 39 -8.64 -13.77 28.90
C TYR C 39 -7.82 -12.54 29.25
N ARG C 40 -8.51 -11.47 29.65
CA ARG C 40 -7.86 -10.22 30.02
C ARG C 40 -8.41 -9.63 31.33
N LYS C 41 -9.50 -8.88 31.23
CA LYS C 41 -10.10 -8.26 32.39
C LYS C 41 -11.61 -8.29 32.25
N GLY C 42 -12.13 -9.42 31.76
CA GLY C 42 -13.56 -9.58 31.57
C GLY C 42 -13.97 -11.03 31.41
N HIS C 43 -13.00 -11.92 31.59
CA HIS C 43 -13.22 -13.37 31.48
C HIS C 43 -14.32 -13.85 32.42
N PRO C 44 -15.34 -14.53 31.87
CA PRO C 44 -16.48 -15.07 32.63
C PRO C 44 -16.16 -16.30 33.49
N VAL C 45 -15.90 -17.42 32.81
CA VAL C 45 -15.57 -18.68 33.46
C VAL C 45 -14.12 -18.65 33.96
N TYR C 46 -13.61 -17.45 34.22
CA TYR C 46 -12.24 -17.30 34.69
C TYR C 46 -12.11 -17.94 36.08
N GLU C 47 -13.10 -17.70 36.94
CA GLU C 47 -13.10 -18.25 38.29
C GLU C 47 -14.22 -19.27 38.43
N GLU C 48 -15.13 -19.25 37.47
CA GLU C 48 -16.28 -20.15 37.45
C GLU C 48 -15.86 -21.57 37.06
N VAL C 49 -14.55 -21.78 36.99
CA VAL C 49 -13.98 -23.08 36.63
C VAL C 49 -12.87 -23.49 37.61
N VAL C 50 -12.00 -22.55 37.94
CA VAL C 50 -10.90 -22.82 38.87
C VAL C 50 -11.41 -23.29 40.21
N LYS C 82 -15.99 -30.02 29.71
CA LYS C 82 -16.16 -28.95 30.68
C LYS C 82 -16.21 -27.54 30.04
N LEU C 83 -15.05 -27.08 29.57
CA LEU C 83 -14.92 -25.76 28.96
C LEU C 83 -15.81 -25.62 27.71
N GLU C 84 -16.04 -26.75 27.05
CA GLU C 84 -16.85 -26.80 25.83
C GLU C 84 -18.28 -26.34 26.07
N GLU C 85 -18.71 -26.35 27.34
CA GLU C 85 -20.05 -25.93 27.69
C GLU C 85 -20.20 -24.41 27.64
N ILE C 86 -19.08 -23.70 27.63
CA ILE C 86 -19.11 -22.24 27.57
C ILE C 86 -18.26 -21.70 26.41
N THR C 87 -17.68 -22.61 25.64
CA THR C 87 -16.85 -22.24 24.50
C THR C 87 -17.72 -21.61 23.40
N HIS C 88 -18.56 -22.44 22.78
CA HIS C 88 -19.45 -22.00 21.71
C HIS C 88 -20.56 -21.10 22.21
N ARG C 89 -20.42 -20.64 23.45
CA ARG C 89 -21.38 -19.76 24.10
C ARG C 89 -20.90 -18.32 23.98
N ALA C 90 -19.68 -18.06 24.46
CA ALA C 90 -19.11 -16.74 24.38
C ALA C 90 -18.87 -16.36 22.94
N LEU C 91 -18.64 -17.37 22.11
CA LEU C 91 -18.40 -17.14 20.69
C LEU C 91 -19.70 -16.71 20.03
N TYR C 92 -20.67 -17.64 20.02
CA TYR C 92 -21.97 -17.38 19.41
C TYR C 92 -22.55 -16.02 19.85
N LYS C 93 -22.01 -15.46 20.93
CA LYS C 93 -22.47 -14.17 21.44
C LYS C 93 -21.80 -13.01 20.72
N GLU C 94 -20.50 -12.90 20.88
CA GLU C 94 -19.75 -11.83 20.25
C GLU C 94 -20.01 -11.79 18.75
N ILE C 95 -20.21 -12.97 18.16
CA ILE C 95 -20.47 -13.05 16.73
C ILE C 95 -21.86 -12.59 16.34
N GLU C 96 -22.90 -13.29 16.82
CA GLU C 96 -24.27 -12.91 16.48
C GLU C 96 -24.49 -11.45 16.83
N LYS C 97 -23.71 -10.93 17.76
CA LYS C 97 -23.85 -9.54 18.16
C LYS C 97 -23.57 -8.65 16.95
N ILE C 98 -22.38 -8.83 16.37
CA ILE C 98 -21.98 -8.03 15.20
C ILE C 98 -22.84 -8.30 13.98
N THR C 99 -23.30 -9.54 13.86
CA THR C 99 -24.12 -9.95 12.73
C THR C 99 -25.41 -9.10 12.65
N LYS C 100 -26.08 -8.99 13.79
CA LYS C 100 -27.32 -8.22 13.91
C LYS C 100 -27.06 -6.76 13.53
N ASN C 101 -26.14 -6.12 14.24
CA ASN C 101 -25.76 -4.74 13.98
C ASN C 101 -25.27 -4.55 12.56
N LEU C 102 -24.77 -5.63 11.95
CA LEU C 102 -24.24 -5.60 10.60
C LEU C 102 -25.36 -5.43 9.58
N SER C 103 -25.11 -4.62 8.55
CA SER C 103 -26.13 -4.36 7.53
C SER C 103 -26.59 -5.66 6.88
N GLU C 104 -25.85 -6.72 7.15
CA GLU C 104 -26.15 -8.05 6.63
C GLU C 104 -26.44 -8.11 5.12
N ASP C 105 -26.20 -7.01 4.43
CA ASP C 105 -26.41 -6.96 2.99
C ASP C 105 -25.07 -6.93 2.25
N THR C 106 -24.02 -7.24 3.01
CA THR C 106 -22.66 -7.30 2.51
C THR C 106 -22.18 -8.75 2.56
N LEU C 107 -21.07 -8.99 3.25
CA LEU C 107 -20.53 -10.33 3.31
C LEU C 107 -19.78 -10.48 4.62
N PHE C 108 -19.95 -11.63 5.26
CA PHE C 108 -19.29 -11.89 6.53
C PHE C 108 -18.42 -13.13 6.43
N ILE C 109 -17.15 -12.97 6.79
CA ILE C 109 -16.21 -14.08 6.75
C ILE C 109 -15.62 -14.30 8.13
N LEU C 110 -15.48 -15.56 8.54
CA LEU C 110 -14.90 -15.84 9.86
C LEU C 110 -13.57 -16.60 9.69
N GLU C 111 -12.46 -15.90 9.98
CA GLU C 111 -11.10 -16.44 9.89
C GLU C 111 -10.74 -17.28 11.13
N ALA C 112 -10.65 -18.60 10.95
CA ALA C 112 -10.30 -19.52 12.03
C ALA C 112 -9.44 -20.67 11.49
N SER C 113 -8.41 -21.05 12.25
CA SER C 113 -7.50 -22.10 11.82
C SER C 113 -7.80 -23.55 12.22
N LEU C 114 -9.01 -23.80 12.73
CA LEU C 114 -9.44 -25.14 13.14
C LEU C 114 -10.85 -25.44 12.64
N LEU C 115 -11.35 -24.57 11.76
CA LEU C 115 -12.68 -24.73 11.20
C LEU C 115 -12.90 -26.16 10.71
N VAL C 116 -11.96 -26.66 9.91
CA VAL C 116 -12.07 -28.02 9.38
C VAL C 116 -11.79 -29.07 10.44
N GLU C 117 -10.61 -28.99 11.04
CA GLU C 117 -10.21 -29.93 12.06
C GLU C 117 -11.31 -30.15 13.08
N LYS C 118 -11.69 -29.08 13.75
CA LYS C 118 -12.75 -29.15 14.75
C LYS C 118 -14.01 -29.70 14.11
N GLY C 119 -14.60 -28.96 13.18
CA GLY C 119 -15.80 -29.43 12.53
C GLY C 119 -16.79 -28.31 12.24
N THR C 120 -16.42 -27.09 12.59
CA THR C 120 -17.28 -25.94 12.36
C THR C 120 -17.32 -25.60 10.86
N TYR C 121 -17.21 -26.62 10.03
CA TYR C 121 -17.24 -26.42 8.59
C TYR C 121 -18.65 -26.17 8.07
N LYS C 122 -19.54 -27.15 8.24
CA LYS C 122 -20.93 -27.05 7.75
C LYS C 122 -21.63 -25.77 8.23
N ASN C 123 -21.17 -25.22 9.35
CA ASN C 123 -21.74 -24.00 9.90
C ASN C 123 -21.66 -22.80 8.94
N TYR C 124 -21.05 -22.98 7.78
CA TYR C 124 -20.94 -21.89 6.82
C TYR C 124 -21.43 -22.33 5.46
N ASP C 125 -21.96 -21.36 4.71
CA ASP C 125 -22.51 -21.59 3.38
C ASP C 125 -21.38 -21.98 2.44
N LYS C 126 -20.25 -21.31 2.63
CA LYS C 126 -19.09 -21.60 1.80
C LYS C 126 -17.81 -21.58 2.65
N LEU C 127 -16.85 -22.42 2.29
CA LEU C 127 -15.58 -22.49 3.00
C LEU C 127 -14.45 -22.17 2.05
N ILE C 128 -13.58 -21.28 2.49
CA ILE C 128 -12.44 -20.90 1.69
C ILE C 128 -11.21 -21.24 2.51
N VAL C 129 -10.18 -21.75 1.85
CA VAL C 129 -8.95 -22.09 2.56
C VAL C 129 -7.76 -21.51 1.79
N VAL C 130 -6.80 -20.95 2.51
CA VAL C 130 -5.62 -20.40 1.85
C VAL C 130 -4.49 -21.40 1.93
N TYR C 131 -3.93 -21.71 0.78
CA TYR C 131 -2.88 -22.70 0.68
C TYR C 131 -1.45 -22.24 0.49
N ALA C 132 -0.60 -22.90 1.26
CA ALA C 132 0.82 -22.71 1.21
C ALA C 132 1.44 -23.99 1.72
N PRO C 133 2.45 -24.46 1.00
CA PRO C 133 3.15 -25.67 1.36
C PRO C 133 3.99 -25.44 2.62
N TYR C 134 4.00 -26.46 3.47
CA TYR C 134 4.73 -26.44 4.73
C TYR C 134 6.02 -25.65 4.65
N GLU C 135 6.83 -25.95 3.63
CA GLU C 135 8.10 -25.29 3.47
C GLU C 135 8.07 -23.78 3.53
N VAL C 136 7.11 -23.16 2.84
CA VAL C 136 7.06 -21.69 2.84
C VAL C 136 6.40 -21.13 4.09
N CYS C 137 5.40 -21.82 4.62
CA CYS C 137 4.75 -21.34 5.83
C CYS C 137 5.82 -21.20 6.92
N LYS C 138 6.63 -22.23 7.07
CA LYS C 138 7.69 -22.22 8.04
C LYS C 138 8.59 -20.99 7.84
N GLU C 139 9.22 -20.85 6.67
CA GLU C 139 10.09 -19.70 6.42
C GLU C 139 9.37 -18.45 6.88
N ARG C 140 8.23 -18.19 6.24
CA ARG C 140 7.42 -17.04 6.53
C ARG C 140 7.05 -16.89 8.02
N ALA C 141 6.81 -18.00 8.70
CA ALA C 141 6.48 -17.92 10.12
C ALA C 141 7.74 -17.54 10.91
N ILE C 142 8.91 -17.90 10.42
CA ILE C 142 10.11 -17.56 11.12
C ILE C 142 10.47 -16.13 10.85
N LYS C 143 10.16 -15.67 9.65
CA LYS C 143 10.45 -14.29 9.24
C LYS C 143 9.63 -13.32 10.09
N ARG C 144 8.63 -13.85 10.81
CA ARG C 144 7.81 -13.05 11.71
C ARG C 144 8.19 -13.40 13.16
N GLY C 145 9.13 -14.34 13.33
CA GLY C 145 9.57 -14.74 14.67
C GLY C 145 8.76 -15.82 15.37
N MSE C 146 9.34 -17.01 15.53
CA MSE C 146 8.67 -18.10 16.22
C MSE C 146 9.70 -19.16 16.63
O MSE C 146 9.42 -20.09 17.41
CB MSE C 146 7.60 -18.70 15.32
CG MSE C 146 6.24 -18.02 15.39
SE MSE C 146 4.77 -19.14 14.69
CE MSE C 146 4.10 -19.95 16.34
N SER C 147 10.90 -19.01 16.10
CA SER C 147 12.02 -19.91 16.38
C SER C 147 11.70 -21.29 15.86
N GLU C 148 10.56 -21.39 15.19
CA GLU C 148 10.11 -22.64 14.61
C GLU C 148 9.91 -23.70 15.64
N GLU C 149 10.19 -23.36 16.89
CA GLU C 149 10.00 -24.34 17.93
C GLU C 149 8.50 -24.43 18.14
N ASP C 150 7.84 -23.29 18.24
CA ASP C 150 6.41 -23.29 18.44
C ASP C 150 5.71 -23.44 17.10
N PHE C 151 6.28 -22.86 16.06
CA PHE C 151 5.69 -22.98 14.75
C PHE C 151 5.47 -24.47 14.57
N GLU C 152 6.54 -25.21 14.79
CA GLU C 152 6.51 -26.64 14.63
C GLU C 152 5.35 -27.33 15.36
N ARG C 153 5.08 -26.93 16.59
CA ARG C 153 3.99 -27.59 17.32
C ARG C 153 2.63 -27.16 16.84
N ARG C 154 2.49 -25.88 16.53
CA ARG C 154 1.21 -25.37 16.08
C ARG C 154 0.86 -26.06 14.79
N TRP C 155 1.85 -26.34 13.96
CA TRP C 155 1.59 -27.01 12.68
C TRP C 155 1.22 -28.47 12.83
N LYS C 156 1.80 -29.18 13.80
CA LYS C 156 1.46 -30.59 13.99
C LYS C 156 0.05 -30.68 14.56
N LYS C 157 -0.44 -29.56 15.09
CA LYS C 157 -1.76 -29.51 15.67
C LYS C 157 -2.87 -29.27 14.64
N GLN C 158 -2.48 -28.90 13.42
CA GLN C 158 -3.45 -28.64 12.33
C GLN C 158 -3.33 -29.76 11.31
N MSE C 159 -4.45 -30.15 10.69
CA MSE C 159 -4.39 -31.23 9.70
C MSE C 159 -3.61 -30.75 8.49
O MSE C 159 -3.66 -29.57 8.14
CB MSE C 159 -5.80 -31.67 9.28
CG MSE C 159 -6.49 -30.75 8.30
SE MSE C 159 -7.84 -31.67 7.22
CE MSE C 159 -9.16 -31.99 8.64
N PRO C 160 -2.87 -31.66 7.84
CA PRO C 160 -2.08 -31.30 6.66
C PRO C 160 -2.78 -30.30 5.77
N ILE C 161 -2.04 -29.31 5.30
CA ILE C 161 -2.61 -28.27 4.46
C ILE C 161 -3.06 -28.79 3.12
N GLU C 162 -2.57 -29.97 2.76
CA GLU C 162 -2.92 -30.58 1.48
C GLU C 162 -4.26 -31.35 1.50
N GLU C 163 -4.69 -31.74 2.70
CA GLU C 163 -5.95 -32.44 2.85
C GLU C 163 -7.00 -31.47 3.35
N LYS C 164 -6.54 -30.35 3.90
CA LYS C 164 -7.47 -29.35 4.39
C LYS C 164 -8.15 -28.72 3.20
N VAL C 165 -7.36 -28.29 2.22
CA VAL C 165 -7.89 -27.65 1.03
C VAL C 165 -8.97 -28.47 0.33
N LYS C 166 -8.95 -29.79 0.53
CA LYS C 166 -9.93 -30.66 -0.11
C LYS C 166 -11.34 -30.45 0.45
N TYR C 167 -11.47 -29.54 1.41
CA TYR C 167 -12.74 -29.25 2.04
C TYR C 167 -13.29 -27.92 1.61
N ALA C 168 -12.49 -27.12 0.91
CA ALA C 168 -12.99 -25.81 0.53
C ALA C 168 -13.64 -25.79 -0.82
N ASP C 169 -14.47 -24.78 -1.02
CA ASP C 169 -15.16 -24.61 -2.29
C ASP C 169 -14.35 -23.55 -3.02
N TYR C 170 -13.49 -22.86 -2.27
CA TYR C 170 -12.64 -21.82 -2.85
C TYR C 170 -11.24 -21.93 -2.23
N VAL C 171 -10.22 -22.17 -3.08
CA VAL C 171 -8.86 -22.27 -2.57
C VAL C 171 -8.00 -21.11 -3.07
N ILE C 172 -7.36 -20.40 -2.14
CA ILE C 172 -6.50 -19.26 -2.49
C ILE C 172 -5.04 -19.72 -2.49
N ASP C 173 -4.37 -19.57 -3.63
CA ASP C 173 -2.97 -19.96 -3.73
C ASP C 173 -2.16 -18.77 -3.27
N ASN C 174 -1.44 -18.93 -2.18
CA ASN C 174 -0.66 -17.83 -1.65
C ASN C 174 0.85 -18.07 -1.68
N SER C 175 1.27 -19.14 -2.35
CA SER C 175 2.69 -19.48 -2.45
C SER C 175 3.42 -18.71 -3.56
N GLY C 176 2.65 -18.12 -4.48
CA GLY C 176 3.23 -17.37 -5.58
C GLY C 176 3.32 -15.89 -5.26
N SER C 177 3.25 -15.02 -6.27
CA SER C 177 3.36 -13.60 -6.03
C SER C 177 2.16 -13.06 -5.25
N ILE C 178 2.28 -11.83 -4.77
CA ILE C 178 1.21 -11.19 -4.00
C ILE C 178 0.10 -10.87 -4.98
N GLU C 179 0.48 -10.50 -6.21
CA GLU C 179 -0.48 -10.17 -7.26
C GLU C 179 -1.35 -11.38 -7.54
N GLU C 180 -0.76 -12.55 -7.54
CA GLU C 180 -1.49 -13.77 -7.79
C GLU C 180 -2.54 -14.05 -6.74
N THR C 181 -2.09 -14.12 -5.48
CA THR C 181 -2.99 -14.43 -4.40
C THR C 181 -4.06 -13.37 -4.20
N TYR C 182 -3.81 -12.20 -4.77
CA TYR C 182 -4.76 -11.11 -4.66
C TYR C 182 -5.78 -11.28 -5.77
N LYS C 183 -5.29 -11.46 -6.99
CA LYS C 183 -6.20 -11.64 -8.12
C LYS C 183 -7.18 -12.78 -7.84
N GLN C 184 -6.81 -13.71 -6.96
CA GLN C 184 -7.67 -14.82 -6.63
C GLN C 184 -8.74 -14.38 -5.67
N VAL C 185 -8.35 -13.72 -4.58
CA VAL C 185 -9.34 -13.29 -3.61
C VAL C 185 -10.32 -12.37 -4.31
N LYS C 186 -9.84 -11.54 -5.23
CA LYS C 186 -10.76 -10.63 -5.91
C LYS C 186 -11.84 -11.42 -6.63
N LYS C 187 -11.44 -12.51 -7.28
CA LYS C 187 -12.39 -13.35 -7.99
C LYS C 187 -13.36 -14.00 -7.01
N VAL C 188 -12.83 -14.61 -5.98
CA VAL C 188 -13.67 -15.24 -4.99
C VAL C 188 -14.69 -14.28 -4.46
N TYR C 189 -14.27 -13.07 -4.13
CA TYR C 189 -15.24 -12.11 -3.61
C TYR C 189 -16.27 -11.78 -4.69
N GLU C 190 -15.82 -11.47 -5.90
CA GLU C 190 -16.74 -11.15 -6.99
C GLU C 190 -17.79 -12.24 -7.15
N GLU C 191 -17.37 -13.44 -7.48
CA GLU C 191 -18.35 -14.50 -7.62
C GLU C 191 -18.83 -14.98 -6.26
N LEU C 192 -19.31 -14.07 -5.43
CA LEU C 192 -19.82 -14.45 -4.12
C LEU C 192 -20.61 -13.29 -3.55
N THR C 193 -20.58 -12.20 -4.30
CA THR C 193 -21.25 -10.96 -3.94
C THR C 193 -21.93 -10.37 -5.18
N ARG C 194 -22.41 -11.24 -6.08
CA ARG C 194 -23.09 -10.79 -7.30
C ARG C 194 -24.33 -11.62 -7.64
S SO4 D . 15.59 3.84 -13.82
O1 SO4 D . 15.56 3.08 -12.56
O2 SO4 D . 14.28 4.49 -14.02
O3 SO4 D . 15.84 2.91 -14.95
O4 SO4 D . 16.65 4.86 -13.78
S SO4 E . -7.56 3.00 4.51
O1 SO4 E . -8.19 2.89 3.18
O2 SO4 E . -6.27 3.72 4.37
O3 SO4 E . -7.31 1.65 5.05
O4 SO4 E . -8.44 3.75 5.41
C1 EDO F . -4.52 10.26 15.75
O1 EDO F . -5.12 8.95 15.71
C2 EDO F . -3.47 10.53 16.83
O2 EDO F . -3.49 9.64 17.96
S SO4 G . -1.13 -16.70 8.80
O1 SO4 G . -2.18 -15.97 9.54
O2 SO4 G . -0.53 -15.77 7.82
O3 SO4 G . -1.74 -17.85 8.12
O4 SO4 G . -0.08 -17.15 9.73
#